data_2XBV
#
_entry.id   2XBV
#
_cell.length_a   105.940
_cell.length_b   105.940
_cell.length_c   50.180
_cell.angle_alpha   90.00
_cell.angle_beta   90.00
_cell.angle_gamma   90.00
#
_symmetry.space_group_name_H-M   'P 43 21 2'
#
loop_
_entity.id
_entity.type
_entity.pdbx_description
1 polymer 'ACTIVATED FACTOR XA HEAVY CHAIN'
2 polymer 'FACTOR X LIGHT CHAIN'
3 non-polymer '(3R,4R)-1-(2,2-DIFLUORO-ETHYL)-PYRROLIDINE-3,4-DICARBOXYLIC ACID 3-[(5-CHLORO-PYRIDIN-2-YL)-AMIDE]-4-{[2-FLUORO-4-(2-OXO-2H-PYRIDIN-1-YL)-PHENYL]-AMIDE}'
4 non-polymer 'CALCIUM ION'
5 non-polymer 'SODIUM ION'
6 water water
#
loop_
_entity_poly.entity_id
_entity_poly.type
_entity_poly.pdbx_seq_one_letter_code
_entity_poly.pdbx_strand_id
1 'polypeptide(L)'
;IVGGQECKDGECPWQALLINEENEGFCGGTILSEFYILTAAHCLYQAKRFKVRVGDRNTEQEEGGEAVHEVEVVIKHNRF
TKETYDFDIAVLRLKTPITFRMNVAPACLPERDWAESTLMTQKTGIVSGFGRTHEKGEQSTRLKMLEVPYVDRNSCKLSS
SFIITQNMFCAGYDTKQEDACQGDSGGPHVTRFKDTYFVTGIVSWGEGCARKGKYGIYTKVTAFLKWIDRSMKTRGLPKA
K
;
A
2 'polypeptide(L)' RKLCSLDNGDCDQFCHEEQNSVVCSCARGYTLADNGKACIPTGPYPCGKQTLERR L
#
# COMPACT_ATOMS: atom_id res chain seq x y z
N ILE A 1 -12.24 3.23 -4.62
CA ILE A 1 -12.79 2.27 -3.64
C ILE A 1 -14.31 2.16 -3.79
N VAL A 2 -14.79 0.92 -4.04
CA VAL A 2 -16.23 0.61 -4.19
C VAL A 2 -16.64 0.09 -2.81
N GLY A 3 -17.65 0.72 -2.20
CA GLY A 3 -17.98 0.35 -0.84
C GLY A 3 -16.99 0.97 0.12
N GLY A 4 -16.77 0.34 1.26
CA GLY A 4 -15.84 0.85 2.27
C GLY A 4 -16.31 2.16 2.88
N GLN A 5 -15.35 2.94 3.46
CA GLN A 5 -15.66 4.20 4.13
C GLN A 5 -14.60 5.25 3.85
N GLU A 6 -14.90 6.52 4.18
CA GLU A 6 -13.87 7.56 4.06
C GLU A 6 -12.86 7.38 5.18
N CYS A 7 -11.56 7.59 4.89
CA CYS A 7 -10.53 7.54 5.94
C CYS A 7 -10.77 8.68 6.92
N LYS A 8 -10.72 8.44 8.22
CA LYS A 8 -10.84 9.55 9.18
C LYS A 8 -9.46 10.19 9.24
N ASP A 9 -9.36 11.35 9.90
CA ASP A 9 -8.11 12.05 10.05
C ASP A 9 -7.09 11.20 10.74
N GLY A 10 -5.94 11.05 10.09
CA GLY A 10 -4.82 10.27 10.56
C GLY A 10 -4.90 8.75 10.39
N GLU A 11 -5.97 8.27 9.82
CA GLU A 11 -6.25 6.83 9.67
C GLU A 11 -5.48 6.16 8.54
N CYS A 12 -5.23 6.89 7.45
CA CYS A 12 -4.53 6.29 6.28
C CYS A 12 -3.31 7.22 5.95
N PRO A 13 -2.33 7.37 6.87
CA PRO A 13 -1.31 8.42 6.65
C PRO A 13 -0.24 8.11 5.64
N TRP A 14 -0.12 6.83 5.27
CA TRP A 14 0.87 6.37 4.30
C TRP A 14 0.33 6.50 2.89
N GLN A 15 -0.89 7.00 2.69
CA GLN A 15 -1.44 7.17 1.33
C GLN A 15 -0.70 8.32 0.61
N ALA A 16 -0.30 8.06 -0.62
CA ALA A 16 0.22 9.07 -1.53
C ALA A 16 -0.66 9.10 -2.79
N LEU A 17 -0.66 10.24 -3.46
CA LEU A 17 -1.47 10.35 -4.66
C LEU A 17 -0.58 10.85 -5.78
N LEU A 18 -0.58 10.14 -6.93
CA LEU A 18 0.22 10.60 -8.08
C LEU A 18 -0.68 11.48 -8.89
N ILE A 19 -0.19 12.71 -9.16
CA ILE A 19 -1.03 13.68 -9.87
C ILE A 19 -0.40 14.03 -11.21
N ASN A 20 -1.22 14.16 -12.23
CA ASN A 20 -0.70 14.47 -13.56
C ASN A 20 -0.60 15.99 -13.79
N GLU A 21 -0.26 16.44 -15.01
CA GLU A 21 -0.14 17.87 -15.33
C GLU A 21 -1.46 18.67 -15.22
N GLU A 22 -2.60 17.96 -15.15
CA GLU A 22 -3.93 18.53 -14.95
C GLU A 22 -4.21 18.72 -13.47
N ASN A 23 -3.26 18.27 -12.59
CA ASN A 23 -3.37 18.31 -11.14
C ASN A 23 -4.45 17.32 -10.68
N GLU A 24 -4.68 16.26 -11.50
CA GLU A 24 -5.66 15.20 -11.26
C GLU A 24 -4.98 13.91 -10.81
N GLY A 25 -5.59 13.24 -9.85
CA GLY A 25 -5.11 11.95 -9.35
C GLY A 25 -5.39 10.87 -10.38
N PHE A 26 -4.39 10.02 -10.62
CA PHE A 26 -4.60 8.91 -11.56
C PHE A 26 -4.12 7.58 -10.94
N CYS A 27 -3.35 7.65 -9.84
CA CYS A 27 -2.83 6.45 -9.14
C CYS A 27 -2.51 6.77 -7.70
N GLY A 28 -2.45 5.75 -6.86
CA GLY A 28 -1.98 5.90 -5.50
C GLY A 28 -0.52 5.48 -5.39
N GLY A 29 -0.03 5.62 -4.17
CA GLY A 29 1.28 5.19 -3.73
C GLY A 29 1.28 4.97 -2.22
N THR A 30 2.36 4.39 -1.72
CA THR A 30 2.57 4.16 -0.27
C THR A 30 3.86 4.88 0.16
N ILE A 31 3.76 5.72 1.21
CA ILE A 31 5.02 6.34 1.70
C ILE A 31 5.81 5.28 2.43
N LEU A 32 7.07 5.07 2.01
CA LEU A 32 8.00 4.10 2.61
C LEU A 32 9.00 4.79 3.54
N SER A 33 9.30 6.05 3.23
CA SER A 33 10.26 6.80 4.06
C SER A 33 10.15 8.26 3.60
N GLU A 34 11.01 9.13 4.21
CA GLU A 34 10.99 10.55 3.83
C GLU A 34 11.25 10.79 2.32
N PHE A 35 11.98 9.86 1.67
CA PHE A 35 12.33 10.02 0.25
C PHE A 35 11.67 9.05 -0.71
N TYR A 36 11.11 7.96 -0.20
CA TYR A 36 10.55 6.93 -1.10
C TYR A 36 9.05 6.65 -1.05
N ILE A 37 8.47 6.51 -2.25
CA ILE A 37 7.08 6.13 -2.50
C ILE A 37 7.07 4.78 -3.23
N LEU A 38 6.22 3.88 -2.77
CA LEU A 38 6.00 2.60 -3.46
C LEU A 38 4.75 2.75 -4.35
N THR A 39 4.86 2.33 -5.60
CA THR A 39 3.71 2.39 -6.50
C THR A 39 3.68 1.20 -7.46
N ALA A 40 2.70 1.19 -8.38
CA ALA A 40 2.61 0.11 -9.37
C ALA A 40 3.43 0.53 -10.61
N ALA A 41 4.25 -0.38 -11.19
CA ALA A 41 4.91 -0.05 -12.46
C ALA A 41 3.88 0.37 -13.54
N HIS A 42 2.66 -0.23 -13.56
CA HIS A 42 1.71 0.12 -14.65
C HIS A 42 1.28 1.60 -14.60
N CYS A 43 1.35 2.20 -13.40
CA CYS A 43 0.97 3.61 -13.22
C CYS A 43 1.89 4.53 -13.97
N LEU A 44 3.12 4.08 -14.24
CA LEU A 44 4.13 4.95 -14.89
C LEU A 44 3.77 5.23 -16.38
N TYR A 45 2.90 4.41 -16.97
CA TYR A 45 2.50 4.51 -18.39
C TYR A 45 1.42 5.55 -18.62
N GLN A 46 0.69 5.92 -17.57
CA GLN A 46 -0.45 6.81 -17.66
C GLN A 46 -0.15 8.29 -17.93
N ALA A 47 0.90 8.82 -17.32
CA ALA A 47 1.32 10.22 -17.44
C ALA A 47 2.86 10.29 -17.55
N LYS A 48 3.40 10.88 -18.65
CA LYS A 48 4.85 11.05 -18.86
C LYS A 48 5.44 11.86 -17.71
N ARG A 49 4.72 12.92 -17.29
CA ARG A 49 5.15 13.76 -16.18
C ARG A 49 4.10 13.72 -15.10
N PHE A 50 4.57 13.47 -13.88
CA PHE A 50 3.68 13.47 -12.71
C PHE A 50 4.44 13.90 -11.47
N LYS A 51 3.67 14.25 -10.44
CA LYS A 51 4.18 14.62 -9.14
C LYS A 51 3.49 13.77 -8.07
N VAL A 52 3.88 13.93 -6.80
CA VAL A 52 3.25 13.17 -5.72
C VAL A 52 2.66 14.15 -4.73
N ARG A 53 1.40 13.92 -4.35
CA ARG A 53 0.75 14.73 -3.29
C ARG A 53 0.63 13.84 -2.03
N VAL A 54 1.06 14.36 -0.87
CA VAL A 54 0.92 13.65 0.41
C VAL A 54 -0.04 14.49 1.29
N GLY A 55 -0.63 13.84 2.31
CA GLY A 55 -1.48 14.55 3.27
C GLY A 55 -2.87 14.97 2.84
N ASP A 56 -3.29 14.62 1.63
CA ASP A 56 -4.60 14.98 1.14
C ASP A 56 -5.67 13.99 1.52
N ARG A 57 -6.85 14.46 1.92
CA ARG A 57 -7.99 13.61 2.23
C ARG A 57 -9.19 13.99 1.41
N ASN A 58 -9.19 15.21 0.89
CA ASN A 58 -10.27 15.71 0.08
C ASN A 58 -9.65 16.46 -1.09
N THR A 59 -9.79 15.94 -2.33
CA THR A 59 -9.15 16.61 -3.49
C THR A 59 -9.81 17.95 -3.89
N GLU A 60 -10.99 18.25 -3.37
CA GLU A 60 -11.74 19.49 -3.65
C GLU A 60 -11.44 20.63 -2.66
N GLN A 61 -10.79 20.32 -1.54
CA GLN A 61 -10.47 21.32 -0.53
C GLN A 61 -8.99 21.30 -0.22
N GLU A 62 -8.36 22.47 -0.22
CA GLU A 62 -6.95 22.54 0.12
C GLU A 62 -6.95 22.65 1.63
N GLU A 63 -6.49 21.59 2.30
CA GLU A 63 -6.46 21.57 3.75
C GLU A 63 -5.04 21.42 4.28
N GLY A 64 -4.87 21.85 5.52
CA GLY A 64 -3.60 21.79 6.23
C GLY A 64 -2.98 20.42 6.16
N GLY A 65 -1.68 20.39 5.91
CA GLY A 65 -0.90 19.16 5.84
C GLY A 65 -0.62 18.70 4.42
N GLU A 66 -1.41 19.14 3.44
CA GLU A 66 -1.17 18.77 2.04
C GLU A 66 0.15 19.36 1.52
N ALA A 67 0.92 18.53 0.81
CA ALA A 67 2.18 18.98 0.24
C ALA A 67 2.46 18.22 -1.05
N VAL A 68 3.14 18.90 -1.99
CA VAL A 68 3.45 18.35 -3.33
C VAL A 68 4.95 18.12 -3.40
N HIS A 69 5.35 16.95 -3.95
CA HIS A 69 6.76 16.63 -4.11
C HIS A 69 7.05 16.26 -5.58
N GLU A 70 8.18 16.73 -6.12
CA GLU A 70 8.59 16.30 -7.45
C GLU A 70 9.34 14.99 -7.29
N VAL A 71 9.32 14.16 -8.35
CA VAL A 71 10.00 12.86 -8.35
C VAL A 71 11.36 13.08 -9.00
N GLU A 72 12.41 12.60 -8.31
CA GLU A 72 13.75 12.71 -8.86
C GLU A 72 14.11 11.48 -9.70
N VAL A 73 13.79 10.27 -9.20
CA VAL A 73 14.22 9.04 -9.88
C VAL A 73 13.01 8.10 -9.90
N VAL A 74 12.75 7.46 -11.05
CA VAL A 74 11.72 6.44 -11.14
C VAL A 74 12.48 5.11 -11.26
N ILE A 75 12.18 4.14 -10.38
CA ILE A 75 12.79 2.80 -10.42
C ILE A 75 11.67 1.80 -10.70
N LYS A 76 11.53 1.41 -11.96
CA LYS A 76 10.48 0.49 -12.41
C LYS A 76 11.08 -0.89 -12.48
N HIS A 77 10.37 -1.92 -11.98
CA HIS A 77 10.87 -3.29 -12.12
C HIS A 77 11.14 -3.60 -13.61
N ASN A 78 12.38 -4.07 -13.94
CA ASN A 78 12.69 -4.33 -15.33
C ASN A 78 11.88 -5.48 -15.97
N ARG A 79 11.24 -6.33 -15.16
CA ARG A 79 10.44 -7.47 -15.65
C ARG A 79 8.96 -7.16 -15.82
N PHE A 80 8.56 -5.94 -15.43
CA PHE A 80 7.15 -5.59 -15.63
C PHE A 80 6.78 -5.57 -17.14
N THR A 81 5.63 -6.15 -17.45
CA THR A 81 5.09 -6.11 -18.81
C THR A 81 3.60 -6.07 -18.73
N LYS A 82 2.96 -5.28 -19.64
CA LYS A 82 1.51 -5.23 -19.72
C LYS A 82 0.93 -6.54 -20.26
N GLU A 83 1.76 -7.40 -20.90
CA GLU A 83 1.24 -8.71 -21.37
C GLU A 83 0.70 -9.56 -20.21
N THR A 84 1.39 -9.58 -19.06
CA THR A 84 1.02 -10.44 -17.93
C THR A 84 0.62 -9.62 -16.69
N TYR A 85 1.03 -8.35 -16.65
CA TYR A 85 0.88 -7.48 -15.46
C TYR A 85 1.72 -8.05 -14.27
N ASP A 86 2.68 -8.96 -14.58
CA ASP A 86 3.53 -9.51 -13.54
C ASP A 86 4.62 -8.48 -13.19
N PHE A 87 5.17 -8.58 -11.98
CA PHE A 87 6.23 -7.65 -11.47
C PHE A 87 5.71 -6.17 -11.42
N ASP A 88 4.48 -5.98 -10.99
CA ASP A 88 3.82 -4.65 -11.04
C ASP A 88 4.24 -3.79 -9.86
N ILE A 89 5.48 -3.28 -9.94
CA ILE A 89 6.07 -2.56 -8.83
C ILE A 89 7.07 -1.50 -9.31
N ALA A 90 7.08 -0.35 -8.63
CA ALA A 90 8.03 0.72 -8.90
C ALA A 90 8.21 1.46 -7.59
N VAL A 91 9.39 2.03 -7.45
CA VAL A 91 9.73 2.87 -6.30
C VAL A 91 10.10 4.24 -6.88
N LEU A 92 9.64 5.30 -6.20
CA LEU A 92 9.93 6.66 -6.63
C LEU A 92 10.82 7.30 -5.58
N ARG A 93 11.95 7.92 -6.01
CA ARG A 93 12.76 8.71 -5.07
C ARG A 93 12.31 10.17 -5.30
N LEU A 94 11.93 10.84 -4.20
CA LEU A 94 11.49 12.23 -4.26
C LEU A 94 12.70 13.17 -4.23
N LYS A 95 12.55 14.36 -4.81
CA LYS A 95 13.65 15.34 -4.87
C LYS A 95 13.90 15.93 -3.49
N THR A 96 12.82 16.14 -2.74
CA THR A 96 12.89 16.71 -1.40
C THR A 96 12.30 15.74 -0.38
N PRO A 97 12.78 15.73 0.86
CA PRO A 97 12.19 14.80 1.85
C PRO A 97 10.83 15.23 2.42
N ILE A 98 9.94 14.24 2.62
CA ILE A 98 8.63 14.43 3.23
C ILE A 98 8.85 14.73 4.72
N THR A 99 8.11 15.70 5.28
CA THR A 99 8.11 15.96 6.71
C THR A 99 6.93 15.17 7.32
N PHE A 100 7.22 14.13 8.12
CA PHE A 100 6.10 13.37 8.73
C PHE A 100 5.32 14.22 9.70
N ARG A 101 3.99 14.09 9.63
CA ARG A 101 3.06 14.91 10.40
C ARG A 101 1.71 14.20 10.45
N MET A 102 0.67 14.89 10.97
CA MET A 102 -0.67 14.33 10.99
C MET A 102 -1.06 14.07 9.51
N ASN A 103 -1.47 12.82 9.22
CA ASN A 103 -1.88 12.34 7.89
C ASN A 103 -0.75 12.04 6.95
N VAL A 104 0.49 12.05 7.46
CA VAL A 104 1.67 11.84 6.64
C VAL A 104 2.70 11.06 7.42
N ALA A 105 2.75 9.73 7.21
CA ALA A 105 3.68 8.87 7.94
C ALA A 105 3.86 7.58 7.13
N PRO A 106 5.01 6.94 7.23
CA PRO A 106 5.25 5.73 6.42
C PRO A 106 4.59 4.49 6.95
N ALA A 107 4.32 3.51 6.02
CA ALA A 107 3.88 2.17 6.42
C ALA A 107 5.18 1.38 6.69
N CYS A 108 5.14 0.35 7.56
CA CYS A 108 6.33 -0.42 7.85
C CYS A 108 6.64 -1.45 6.75
N LEU A 109 7.89 -1.66 6.48
CA LEU A 109 8.30 -2.74 5.57
C LEU A 109 8.62 -3.93 6.49
N PRO A 110 7.99 -5.09 6.27
CA PRO A 110 8.30 -6.27 7.11
C PRO A 110 9.52 -7.07 6.63
N GLU A 111 10.06 -7.98 7.50
CA GLU A 111 11.12 -8.89 7.09
C GLU A 111 10.40 -9.99 6.31
N ARG A 112 11.00 -10.46 5.21
CA ARG A 112 10.40 -11.39 4.25
C ARG A 112 9.82 -12.67 4.86
N ASP A 113 10.70 -13.51 5.44
CA ASP A 113 10.23 -14.80 5.95
C ASP A 113 9.14 -14.67 6.99
N TRP A 114 9.29 -13.70 7.91
CA TRP A 114 8.29 -13.42 8.93
C TRP A 114 6.99 -12.99 8.29
N ALA A 115 7.06 -12.08 7.29
CA ALA A 115 5.86 -11.60 6.62
C ALA A 115 5.11 -12.76 5.93
N GLU A 116 5.84 -13.68 5.24
CA GLU A 116 5.19 -14.85 4.60
C GLU A 116 4.42 -15.70 5.58
N SER A 117 5.00 -15.98 6.76
CA SER A 117 4.34 -16.83 7.74
C SER A 117 3.38 -16.13 8.66
N THR A 118 3.61 -14.83 8.94
CA THR A 118 2.86 -14.11 9.97
C THR A 118 1.89 -13.06 9.45
N LEU A 119 2.27 -12.32 8.39
CA LEU A 119 1.34 -11.31 7.85
C LEU A 119 0.43 -11.87 6.77
N MET A 120 1.01 -12.59 5.80
CA MET A 120 0.24 -13.12 4.66
C MET A 120 -0.77 -14.18 5.12
N THR A 121 -0.66 -14.64 6.38
CA THR A 121 -1.56 -15.65 6.94
C THR A 121 -2.68 -15.02 7.75
N GLN A 122 -2.73 -13.65 7.89
CA GLN A 122 -3.82 -12.97 8.60
C GLN A 122 -5.11 -13.05 7.78
N LYS A 123 -6.24 -12.77 8.39
CA LYS A 123 -7.49 -12.87 7.70
C LYS A 123 -7.66 -11.77 6.68
N THR A 124 -7.27 -10.53 7.06
CA THR A 124 -7.54 -9.38 6.21
C THR A 124 -6.43 -8.35 6.20
N GLY A 125 -6.55 -7.47 5.21
CA GLY A 125 -5.73 -6.26 5.02
C GLY A 125 -6.65 -5.07 4.77
N ILE A 126 -6.05 -3.90 4.64
CA ILE A 126 -6.81 -2.69 4.35
C ILE A 126 -6.28 -2.08 3.05
N VAL A 127 -7.16 -1.79 2.13
CA VAL A 127 -6.79 -1.11 0.86
C VAL A 127 -7.35 0.34 0.94
N SER A 128 -6.61 1.30 0.42
CA SER A 128 -7.15 2.69 0.44
C SER A 128 -6.85 3.42 -0.86
N GLY A 129 -7.58 4.49 -1.10
CA GLY A 129 -7.34 5.33 -2.27
C GLY A 129 -8.47 6.24 -2.69
N PHE A 130 -8.18 7.03 -3.73
CA PHE A 130 -9.09 8.01 -4.32
C PHE A 130 -9.73 7.52 -5.59
N GLY A 131 -9.70 6.20 -5.80
CA GLY A 131 -10.19 5.66 -7.05
C GLY A 131 -11.69 5.65 -7.23
N ARG A 132 -12.15 5.11 -8.38
CA ARG A 132 -13.58 5.02 -8.70
C ARG A 132 -14.39 4.43 -7.57
N THR A 133 -15.61 4.97 -7.34
CA THR A 133 -16.52 4.49 -6.28
C THR A 133 -17.48 3.45 -6.87
N HIS A 134 -17.38 3.22 -8.19
CA HIS A 134 -18.11 2.18 -8.94
C HIS A 134 -17.35 1.95 -10.25
N GLU A 135 -17.38 0.71 -10.78
CA GLU A 135 -16.70 0.43 -12.04
C GLU A 135 -16.98 1.46 -13.16
N LYS A 136 -18.20 1.91 -13.29
CA LYS A 136 -18.56 2.82 -14.38
C LYS A 136 -18.44 4.32 -14.01
N GLY A 137 -18.43 4.59 -12.71
CA GLY A 137 -18.40 5.92 -12.13
C GLY A 137 -17.10 6.67 -12.06
N GLU A 138 -17.13 7.78 -11.32
CA GLU A 138 -16.05 8.73 -11.17
C GLU A 138 -15.18 8.37 -9.97
N GLN A 139 -13.97 8.91 -9.99
CA GLN A 139 -13.02 8.83 -8.91
C GLN A 139 -13.58 9.60 -7.74
N SER A 140 -13.28 9.12 -6.54
CA SER A 140 -13.72 9.73 -5.30
C SER A 140 -12.93 11.04 -5.00
N THR A 141 -13.64 12.09 -4.54
CA THR A 141 -12.88 13.29 -4.16
C THR A 141 -12.39 13.10 -2.73
N ARG A 142 -12.89 12.06 -2.01
CA ARG A 142 -12.47 11.78 -0.64
C ARG A 142 -11.66 10.49 -0.55
N LEU A 143 -10.66 10.49 0.32
CA LEU A 143 -9.82 9.31 0.53
C LEU A 143 -10.67 8.23 1.22
N LYS A 144 -10.80 7.07 0.58
CA LYS A 144 -11.58 5.93 1.15
C LYS A 144 -10.66 4.77 1.53
N MET A 145 -11.12 3.92 2.44
CA MET A 145 -10.44 2.69 2.87
C MET A 145 -11.42 1.56 2.85
N LEU A 146 -10.91 0.32 2.77
CA LEU A 146 -11.78 -0.86 2.75
C LEU A 146 -11.06 -2.04 3.29
N GLU A 147 -11.70 -2.76 4.24
CA GLU A 147 -11.09 -3.97 4.76
C GLU A 147 -11.38 -5.08 3.72
N VAL A 148 -10.31 -5.76 3.28
CA VAL A 148 -10.43 -6.84 2.31
C VAL A 148 -9.84 -8.14 2.83
N PRO A 149 -10.64 -9.22 2.80
CA PRO A 149 -10.09 -10.53 3.24
C PRO A 149 -9.06 -11.04 2.21
N TYR A 150 -8.00 -11.73 2.69
CA TYR A 150 -7.07 -12.45 1.82
C TYR A 150 -7.89 -13.62 1.25
N VAL A 151 -7.70 -13.87 -0.06
CA VAL A 151 -8.43 -14.89 -0.80
C VAL A 151 -7.49 -16.01 -1.17
N ASP A 152 -7.95 -17.27 -1.03
CA ASP A 152 -7.13 -18.44 -1.36
C ASP A 152 -6.64 -18.32 -2.81
N ARG A 153 -5.36 -18.60 -3.03
CA ARG A 153 -4.71 -18.48 -4.35
C ARG A 153 -5.42 -19.36 -5.38
N ASN A 154 -5.74 -20.60 -4.98
CA ASN A 154 -6.39 -21.50 -5.97
C ASN A 154 -7.81 -21.04 -6.33
N SER A 155 -8.61 -20.58 -5.33
CA SER A 155 -9.95 -20.05 -5.63
C SER A 155 -9.78 -18.83 -6.55
N CYS A 156 -8.76 -18.04 -6.30
CA CYS A 156 -8.55 -16.88 -7.16
C CYS A 156 -8.20 -17.27 -8.60
N LYS A 157 -7.28 -18.25 -8.77
CA LYS A 157 -6.91 -18.69 -10.11
C LYS A 157 -8.16 -19.20 -10.86
N LEU A 158 -9.04 -19.98 -10.18
CA LEU A 158 -10.26 -20.47 -10.83
C LEU A 158 -11.16 -19.35 -11.28
N SER A 159 -11.20 -18.25 -10.50
CA SER A 159 -12.08 -17.13 -10.80
C SER A 159 -11.58 -16.23 -11.92
N SER A 160 -10.27 -16.32 -12.23
CA SER A 160 -9.60 -15.35 -13.08
C SER A 160 -9.45 -15.71 -14.54
N SER A 161 -9.70 -14.73 -15.44
CA SER A 161 -9.43 -14.89 -16.88
C SER A 161 -7.93 -14.91 -17.16
N PHE A 162 -7.14 -14.29 -16.29
CA PHE A 162 -5.69 -14.12 -16.48
C PHE A 162 -4.87 -14.87 -15.43
N ILE A 163 -3.63 -15.18 -15.80
CA ILE A 163 -2.69 -15.93 -14.91
C ILE A 163 -2.44 -15.12 -13.66
N ILE A 164 -2.56 -15.81 -12.48
CA ILE A 164 -2.18 -15.24 -11.20
C ILE A 164 -0.77 -15.82 -10.94
N THR A 165 0.24 -14.96 -10.82
CA THR A 165 1.64 -15.34 -10.58
C THR A 165 1.96 -15.32 -9.09
N GLN A 166 3.12 -15.89 -8.70
CA GLN A 166 3.55 -15.80 -7.31
C GLN A 166 3.93 -14.40 -6.88
N ASN A 167 4.01 -13.43 -7.83
CA ASN A 167 4.31 -12.03 -7.48
C ASN A 167 3.03 -11.25 -7.22
N MET A 168 1.91 -11.98 -7.19
CA MET A 168 0.55 -11.45 -6.94
C MET A 168 -0.12 -12.21 -5.86
N PHE A 169 -1.12 -11.58 -5.26
CA PHE A 169 -2.05 -12.18 -4.35
C PHE A 169 -3.46 -11.60 -4.56
N CYS A 170 -4.48 -12.31 -4.08
CA CYS A 170 -5.87 -11.90 -4.27
C CYS A 170 -6.48 -11.53 -2.95
N ALA A 171 -7.33 -10.52 -3.01
CA ALA A 171 -8.06 -10.09 -1.79
C ALA A 171 -9.38 -9.49 -2.19
N GLY A 172 -10.35 -9.56 -1.28
CA GLY A 172 -11.67 -9.02 -1.56
C GLY A 172 -12.79 -10.01 -1.31
N TYR A 173 -13.91 -9.81 -2.02
CA TYR A 173 -15.14 -10.57 -1.88
C TYR A 173 -15.60 -11.16 -3.18
N ASP A 174 -16.19 -12.36 -3.07
CA ASP A 174 -16.74 -13.02 -4.24
C ASP A 174 -17.93 -12.23 -4.82
N THR A 175 -19.01 -11.98 -4.05
CA THR A 175 -20.20 -11.29 -4.60
C THR A 175 -20.54 -9.96 -3.87
N LYS A 176 -20.08 -9.79 -2.62
CA LYS A 176 -20.28 -8.54 -1.86
C LYS A 176 -19.69 -7.43 -2.72
N GLN A 177 -20.45 -6.34 -2.90
CA GLN A 177 -20.07 -5.21 -3.78
C GLN A 177 -19.07 -4.23 -3.15
N GLU A 178 -17.88 -4.75 -2.79
CA GLU A 178 -16.80 -3.99 -2.16
C GLU A 178 -15.46 -4.43 -2.77
N ASP A 179 -14.62 -3.45 -3.19
CA ASP A 179 -13.35 -3.77 -3.83
C ASP A 179 -12.60 -2.44 -4.06
N ALA A 180 -11.33 -2.54 -4.42
CA ALA A 180 -10.59 -1.37 -4.90
C ALA A 180 -11.06 -1.22 -6.36
N CYS A 181 -10.68 -0.12 -7.00
CA CYS A 181 -11.10 0.09 -8.38
C CYS A 181 -10.03 0.94 -9.09
N GLN A 182 -10.21 1.19 -10.42
CA GLN A 182 -9.23 2.00 -11.17
C GLN A 182 -9.08 3.36 -10.48
N GLY A 183 -7.84 3.77 -10.35
CA GLY A 183 -7.53 5.02 -9.66
C GLY A 183 -6.95 4.76 -8.29
N ASP A 184 -7.31 3.62 -7.65
CA ASP A 184 -6.68 3.19 -6.38
C ASP A 184 -5.35 2.49 -6.72
N SER A 185 -5.22 2.05 -7.98
CA SER A 185 -4.07 1.43 -8.64
C SER A 185 -2.76 2.06 -8.12
N GLY A 186 -1.80 1.23 -7.66
CA GLY A 186 -0.55 1.72 -7.16
C GLY A 186 -0.50 2.03 -5.67
N GLY A 187 -1.68 2.13 -5.08
CA GLY A 187 -1.92 2.49 -3.69
C GLY A 187 -1.65 1.38 -2.69
N PRO A 188 -1.81 1.70 -1.40
CA PRO A 188 -1.41 0.70 -0.39
C PRO A 188 -2.43 -0.38 -0.10
N HIS A 189 -1.89 -1.54 0.18
CA HIS A 189 -2.59 -2.64 0.83
C HIS A 189 -1.68 -2.89 2.05
N VAL A 190 -2.22 -2.64 3.26
CA VAL A 190 -1.51 -2.85 4.53
C VAL A 190 -2.21 -3.93 5.42
N THR A 191 -1.42 -4.63 6.20
CA THR A 191 -1.90 -5.68 7.13
C THR A 191 -1.47 -5.28 8.55
N ARG A 192 -2.42 -5.30 9.47
CA ARG A 192 -2.11 -4.98 10.87
C ARG A 192 -1.61 -6.20 11.59
N PHE A 193 -0.49 -6.07 12.35
CA PHE A 193 0.04 -7.10 13.23
C PHE A 193 0.22 -6.45 14.59
N LYS A 194 -0.63 -6.90 15.54
CA LYS A 194 -0.78 -6.36 16.89
C LYS A 194 -1.34 -4.95 16.72
N ASP A 195 -0.48 -3.93 16.81
CA ASP A 195 -0.88 -2.52 16.73
C ASP A 195 -0.07 -1.74 15.66
N THR A 196 0.52 -2.44 14.70
CA THR A 196 1.34 -1.81 13.66
C THR A 196 0.90 -2.29 12.28
N TYR A 197 0.94 -1.37 11.28
CA TYR A 197 0.57 -1.65 9.87
C TYR A 197 1.79 -1.85 8.98
N PHE A 198 1.83 -3.00 8.26
CA PHE A 198 2.97 -3.33 7.44
C PHE A 198 2.49 -3.35 6.00
N VAL A 199 3.25 -2.78 5.11
CA VAL A 199 2.77 -2.78 3.71
C VAL A 199 2.92 -4.19 3.15
N THR A 200 1.80 -4.70 2.61
CA THR A 200 1.79 -6.08 2.08
C THR A 200 1.43 -6.15 0.62
N GLY A 201 0.77 -5.14 0.11
CA GLY A 201 0.37 -5.17 -1.30
C GLY A 201 0.37 -3.84 -1.98
N ILE A 202 0.34 -3.89 -3.34
CA ILE A 202 0.20 -2.72 -4.17
C ILE A 202 -1.04 -2.99 -5.00
N VAL A 203 -2.02 -2.07 -5.01
CA VAL A 203 -3.24 -2.23 -5.84
C VAL A 203 -2.79 -2.38 -7.29
N SER A 204 -3.10 -3.55 -7.91
CA SER A 204 -2.58 -3.80 -9.26
C SER A 204 -3.66 -3.90 -10.33
N TRP A 205 -4.59 -4.87 -10.23
CA TRP A 205 -5.61 -4.97 -11.30
C TRP A 205 -6.81 -5.76 -10.87
N GLY A 206 -7.82 -5.76 -11.73
CA GLY A 206 -9.01 -6.56 -11.48
C GLY A 206 -9.85 -6.54 -12.74
N GLU A 207 -10.73 -7.55 -12.88
CA GLU A 207 -11.64 -7.62 -14.06
C GLU A 207 -12.86 -6.84 -13.66
N GLY A 208 -12.86 -5.56 -14.07
CA GLY A 208 -13.85 -4.58 -13.65
C GLY A 208 -13.55 -4.21 -12.21
N CYS A 209 -14.57 -3.94 -11.41
CA CYS A 209 -14.45 -3.65 -9.98
C CYS A 209 -15.64 -4.22 -9.26
N ALA A 210 -15.40 -4.90 -8.11
CA ALA A 210 -16.45 -5.55 -7.30
C ALA A 210 -17.39 -6.47 -8.14
N ARG A 211 -16.85 -7.07 -9.25
CA ARG A 211 -17.68 -7.98 -10.07
C ARG A 211 -17.93 -9.27 -9.32
N LYS A 212 -19.16 -9.80 -9.46
CA LYS A 212 -19.47 -11.09 -8.84
C LYS A 212 -18.54 -12.16 -9.44
N GLY A 213 -17.92 -12.95 -8.58
CA GLY A 213 -17.01 -14.01 -9.00
C GLY A 213 -15.61 -13.57 -9.36
N LYS A 214 -15.27 -12.29 -9.04
CA LYS A 214 -13.96 -11.74 -9.35
C LYS A 214 -13.40 -11.11 -8.10
N TYR A 215 -12.06 -11.11 -7.94
CA TYR A 215 -11.36 -10.56 -6.78
C TYR A 215 -10.42 -9.39 -7.19
N GLY A 216 -9.92 -8.69 -6.20
CA GLY A 216 -8.90 -7.66 -6.45
C GLY A 216 -7.54 -8.33 -6.47
N ILE A 217 -6.67 -7.91 -7.44
CA ILE A 217 -5.33 -8.47 -7.58
C ILE A 217 -4.28 -7.47 -7.16
N TYR A 218 -3.37 -7.91 -6.26
CA TYR A 218 -2.38 -7.03 -5.68
C TYR A 218 -0.99 -7.54 -5.93
N THR A 219 -0.01 -6.64 -6.10
CA THR A 219 1.39 -7.08 -6.18
C THR A 219 1.80 -7.54 -4.78
N LYS A 220 2.44 -8.71 -4.70
CA LYS A 220 2.82 -9.31 -3.42
C LYS A 220 4.13 -8.70 -2.95
N VAL A 221 4.05 -7.74 -2.05
CA VAL A 221 5.26 -7.01 -1.60
C VAL A 221 6.37 -7.92 -1.01
N THR A 222 5.98 -9.02 -0.28
CA THR A 222 7.02 -9.95 0.24
C THR A 222 7.96 -10.49 -0.84
N ALA A 223 7.43 -10.66 -2.08
CA ALA A 223 8.27 -11.13 -3.20
C ALA A 223 9.37 -10.16 -3.62
N PHE A 224 9.23 -8.86 -3.25
CA PHE A 224 10.07 -7.74 -3.66
C PHE A 224 10.75 -6.99 -2.52
N LEU A 225 10.77 -7.58 -1.31
CA LEU A 225 11.44 -6.90 -0.17
C LEU A 225 12.95 -6.63 -0.39
N LYS A 226 13.68 -7.58 -1.03
CA LYS A 226 15.11 -7.39 -1.37
C LYS A 226 15.25 -6.35 -2.47
N TRP A 227 14.35 -6.42 -3.45
CA TRP A 227 14.30 -5.48 -4.56
C TRP A 227 14.03 -4.04 -4.07
N ILE A 228 13.11 -3.90 -3.12
CA ILE A 228 12.75 -2.61 -2.59
C ILE A 228 13.96 -2.09 -1.83
N ASP A 229 14.59 -2.97 -1.00
CA ASP A 229 15.76 -2.58 -0.20
C ASP A 229 16.87 -2.05 -1.09
N ARG A 230 17.15 -2.74 -2.22
CA ARG A 230 18.21 -2.34 -3.14
C ARG A 230 17.87 -1.00 -3.79
N SER A 231 16.60 -0.83 -4.22
CA SER A 231 16.07 0.38 -4.87
C SER A 231 16.16 1.64 -3.99
N MET A 232 15.95 1.49 -2.68
CA MET A 232 15.97 2.56 -1.68
C MET A 232 17.41 2.91 -1.30
N LYS A 233 18.37 2.08 -1.70
CA LYS A 233 19.82 2.22 -1.42
C LYS A 233 20.65 2.70 -2.61
N THR A 234 20.13 2.54 -3.86
CA THR A 234 20.80 2.93 -5.11
C THR A 234 21.00 4.46 -5.19
N ARG A 235 22.09 4.91 -5.62
N CYS B 4 9.70 -20.07 16.08
CA CYS B 4 9.19 -18.94 16.84
C CYS B 4 7.70 -19.10 17.18
N SER B 5 6.80 -18.67 16.26
CA SER B 5 5.35 -18.75 16.43
C SER B 5 4.84 -20.19 16.42
N ASP B 7 3.68 -18.34 19.65
CA ASP B 7 2.70 -17.26 19.68
C ASP B 7 3.38 -15.94 19.23
N ASN B 8 4.09 -16.04 18.09
CA ASN B 8 5.02 -15.05 17.51
C ASN B 8 6.19 -14.87 18.48
N GLY B 9 6.38 -15.91 19.33
CA GLY B 9 7.38 -15.95 20.37
C GLY B 9 7.24 -14.78 21.32
N ASP B 10 5.98 -14.37 21.56
CA ASP B 10 5.55 -13.25 22.39
C ASP B 10 6.01 -11.84 21.84
N CYS B 11 6.75 -11.81 20.70
CA CYS B 11 7.27 -10.60 20.04
C CYS B 11 6.16 -9.63 19.63
N ASP B 12 6.48 -8.33 19.70
CA ASP B 12 5.56 -7.26 19.29
C ASP B 12 5.63 -7.11 17.75
N GLN B 13 6.83 -7.33 17.16
CA GLN B 13 7.11 -7.26 15.71
C GLN B 13 7.80 -8.50 15.10
N PHE B 14 9.05 -8.40 14.61
CA PHE B 14 9.70 -9.56 13.95
C PHE B 14 10.20 -10.63 14.92
N CYS B 15 10.65 -11.77 14.35
CA CYS B 15 11.13 -12.98 15.03
C CYS B 15 11.90 -13.85 14.02
N VAL B 22 13.54 -18.10 20.85
CA VAL B 22 12.75 -16.94 20.46
C VAL B 22 13.61 -15.67 20.48
N VAL B 23 13.71 -14.98 19.33
CA VAL B 23 14.48 -13.74 19.22
C VAL B 23 13.62 -12.69 18.50
N CYS B 24 13.34 -11.56 19.17
CA CYS B 24 12.53 -10.48 18.60
C CYS B 24 13.38 -9.39 17.93
N SER B 25 12.73 -8.59 17.07
CA SER B 25 13.29 -7.43 16.38
C SER B 25 12.13 -6.51 15.94
N CYS B 26 12.44 -5.25 15.61
CA CYS B 26 11.40 -4.29 15.21
C CYS B 26 11.76 -3.62 13.89
N ALA B 27 10.75 -3.01 13.23
CA ALA B 27 10.96 -2.27 11.98
C ALA B 27 11.73 -0.96 12.31
N ARG B 28 12.42 -0.39 11.31
CA ARG B 28 13.20 0.85 11.42
C ARG B 28 12.31 1.94 12.02
N GLY B 29 12.83 2.69 13.00
CA GLY B 29 12.09 3.73 13.70
C GLY B 29 11.51 3.30 15.05
N TYR B 30 11.90 2.08 15.48
CA TYR B 30 11.55 1.45 16.75
C TYR B 30 12.79 0.79 17.35
N THR B 31 12.83 0.64 18.68
CA THR B 31 13.87 -0.14 19.37
C THR B 31 13.18 -1.18 20.22
N LEU B 32 13.81 -2.35 20.37
CA LEU B 32 13.30 -3.43 21.20
C LEU B 32 13.42 -3.03 22.67
N ALA B 33 12.28 -3.06 23.38
CA ALA B 33 12.14 -2.72 24.81
C ALA B 33 13.03 -3.57 25.74
N ASP B 34 13.06 -3.21 27.04
CA ASP B 34 13.83 -3.93 28.06
C ASP B 34 13.34 -5.36 28.23
N ASN B 35 11.99 -5.57 28.12
CA ASN B 35 11.36 -6.90 28.16
C ASN B 35 11.92 -7.80 27.04
N GLY B 36 12.33 -7.17 25.93
CA GLY B 36 12.91 -7.84 24.76
C GLY B 36 11.84 -8.45 23.88
N LYS B 37 10.57 -8.13 24.18
CA LYS B 37 9.36 -8.58 23.53
C LYS B 37 8.55 -7.42 22.96
N ALA B 38 8.72 -6.19 23.50
CA ALA B 38 7.98 -5.02 23.00
C ALA B 38 8.81 -4.10 22.08
N CYS B 39 8.12 -3.28 21.25
CA CYS B 39 8.80 -2.34 20.33
C CYS B 39 8.47 -0.91 20.69
N ILE B 40 9.52 -0.09 20.88
CA ILE B 40 9.30 1.31 21.29
C ILE B 40 9.62 2.29 20.17
N PRO B 41 8.66 3.18 19.80
CA PRO B 41 8.97 4.18 18.76
C PRO B 41 10.10 5.11 19.21
N THR B 42 10.93 5.56 18.27
CA THR B 42 12.05 6.47 18.54
C THR B 42 11.71 7.93 18.21
N GLY B 43 10.61 8.14 17.49
CA GLY B 43 10.16 9.47 17.10
C GLY B 43 8.65 9.64 17.17
N PRO B 44 8.11 10.82 16.80
CA PRO B 44 6.66 11.02 16.89
C PRO B 44 5.85 10.37 15.77
N TYR B 45 6.53 9.99 14.68
CA TYR B 45 5.82 9.40 13.51
C TYR B 45 6.46 8.10 13.06
N PRO B 46 6.43 7.07 13.96
CA PRO B 46 7.06 5.79 13.60
C PRO B 46 6.27 5.13 12.50
N CYS B 47 6.88 4.20 11.78
CA CYS B 47 6.13 3.57 10.70
C CYS B 47 4.94 2.74 11.19
N GLY B 48 3.88 2.72 10.37
CA GLY B 48 2.71 1.88 10.61
C GLY B 48 1.79 2.23 11.75
N LYS B 49 1.86 3.48 12.25
CA LYS B 49 0.95 3.88 13.32
C LYS B 49 0.09 4.98 12.76
N GLN B 50 -1.21 4.90 13.03
CA GLN B 50 -2.14 5.95 12.65
C GLN B 50 -1.77 7.23 13.43
N THR B 51 -1.99 8.40 12.85
CA THR B 51 -1.57 9.66 13.51
C THR B 51 -2.70 10.29 14.32
N LEU B 52 -2.33 10.92 15.44
CA LEU B 52 -3.27 11.64 16.32
C LEU B 52 -2.83 13.10 16.46
N GLU B 53 -3.78 14.04 16.60
CA GLU B 53 -3.49 15.46 16.80
C GLU B 53 -2.93 15.65 18.21
N ARG B 54 -3.53 15.11 19.16
#